data_1SD7
#
_entry.id   1SD7
#
_cell.length_a   67.610
_cell.length_b   70.174
_cell.length_c   75.009
_cell.angle_alpha   90.00
_cell.angle_beta   90.00
_cell.angle_gamma   90.00
#
_symmetry.space_group_name_H-M   'P 21 21 21'
#
loop_
_entity.id
_entity.type
_entity.pdbx_description
1 polymer 'Methicillin resistance regulatory protein mecI'
2 water water
#
_entity_poly.entity_id   1
_entity_poly.type   'polypeptide(L)'
_entity_poly.pdbx_seq_one_letter_code
;(MSE)DNKTYEISSAEWEV(MSE)NIIW(MSE)KKYASANNIIEEIQ(MSE)QKDWSPKTIRTLITRLYKKGFIDRKKDN
KIFQYYSLVEESDIKYKTSKNFINKVYKGGFNSLVLNFVEKEDLSQDEIEELRNILNKK
;
_entity_poly.pdbx_strand_id   A,B
#
# COMPACT_ATOMS: atom_id res chain seq x y z
N THR A 5 -13.85 7.27 -10.41
CA THR A 5 -14.87 6.23 -10.04
C THR A 5 -14.27 4.86 -9.70
N TYR A 6 -12.98 4.83 -9.31
CA TYR A 6 -12.31 3.57 -8.98
C TYR A 6 -11.00 3.83 -8.19
N GLU A 7 -9.86 3.29 -8.65
CA GLU A 7 -8.57 3.48 -7.96
C GLU A 7 -7.31 3.12 -8.78
N ILE A 8 -6.29 3.97 -8.65
CA ILE A 8 -4.98 3.94 -9.34
C ILE A 8 -4.03 2.74 -9.24
N SER A 9 -3.34 2.43 -10.35
CA SER A 9 -2.35 1.36 -10.41
C SER A 9 -0.98 1.96 -10.19
N SER A 10 0.00 1.10 -10.08
CA SER A 10 1.36 1.51 -9.84
C SER A 10 1.93 2.49 -10.89
N ALA A 11 1.57 2.32 -12.16
CA ALA A 11 2.09 3.21 -13.19
C ALA A 11 1.36 4.54 -13.28
N GLU A 12 0.09 4.58 -12.88
CA GLU A 12 -0.65 5.84 -12.90
C GLU A 12 -0.14 6.66 -11.72
N TRP A 13 0.22 5.99 -10.62
CA TRP A 13 0.76 6.71 -9.48
C TRP A 13 2.03 7.40 -9.98
N GLU A 14 2.83 6.67 -10.75
CA GLU A 14 4.05 7.25 -11.30
C GLU A 14 3.68 8.52 -12.07
N VAL A 15 3.00 8.34 -13.18
CA VAL A 15 2.56 9.46 -13.98
C VAL A 15 1.98 10.57 -13.13
N ASN A 17 2.32 11.35 -9.89
CA ASN A 17 3.28 12.06 -9.06
C ASN A 17 4.06 13.13 -9.77
N ILE A 18 4.30 12.93 -11.06
CA ILE A 18 5.00 13.91 -11.85
C ILE A 18 4.08 15.09 -12.17
N ILE A 19 2.80 14.78 -12.41
CA ILE A 19 1.82 15.81 -12.70
C ILE A 19 1.53 16.68 -11.47
N TRP A 20 1.62 16.11 -10.26
CA TRP A 20 1.38 16.89 -9.03
C TRP A 20 2.61 17.67 -8.64
N LYS A 22 4.97 19.02 -11.21
CA LYS A 22 5.18 20.03 -12.22
C LYS A 22 3.97 20.93 -12.36
N LYS A 23 2.92 20.65 -11.58
CA LYS A 23 1.66 21.41 -11.62
C LYS A 23 0.98 21.43 -13.00
N TYR A 24 1.78 21.54 -14.06
CA TYR A 24 1.32 21.52 -15.45
C TYR A 24 2.44 20.82 -16.22
N ALA A 25 2.11 19.74 -16.94
CA ALA A 25 3.13 19.01 -17.70
C ALA A 25 2.65 18.48 -19.06
N SER A 26 3.58 18.34 -20.01
CA SER A 26 3.28 17.86 -21.36
C SER A 26 3.47 16.36 -21.49
N ALA A 27 2.95 15.77 -22.56
CA ALA A 27 3.11 14.34 -22.73
C ALA A 27 4.60 14.03 -22.83
N ASN A 28 5.34 14.93 -23.47
CA ASN A 28 6.78 14.71 -23.60
C ASN A 28 7.54 15.00 -22.33
N ASN A 29 7.11 16.03 -21.61
CA ASN A 29 7.72 16.38 -20.35
C ASN A 29 7.61 15.17 -19.40
N ILE A 30 6.45 14.52 -19.45
CA ILE A 30 6.13 13.35 -18.62
C ILE A 30 6.93 12.12 -18.98
N ILE A 31 7.18 11.93 -20.27
CA ILE A 31 7.95 10.78 -20.71
C ILE A 31 9.42 10.93 -20.27
N GLU A 32 9.93 12.16 -20.36
CA GLU A 32 11.31 12.46 -20.00
C GLU A 32 11.54 12.17 -18.54
N GLU A 33 10.69 12.74 -17.70
CA GLU A 33 10.80 12.55 -16.28
C GLU A 33 10.60 11.09 -15.88
N ILE A 34 9.64 10.42 -16.52
CA ILE A 34 9.38 9.02 -16.21
C ILE A 34 10.50 8.12 -16.69
N GLN A 35 11.07 8.45 -17.86
CA GLN A 35 12.16 7.65 -18.41
C GLN A 35 13.52 7.79 -17.70
N GLN A 37 13.68 7.20 -14.77
CA GLN A 37 13.58 6.12 -13.79
C GLN A 37 13.11 4.76 -14.33
N LYS A 38 12.20 4.77 -15.31
CA LYS A 38 11.71 3.52 -15.85
C LYS A 38 12.00 3.39 -17.34
N ASP A 39 12.26 2.16 -17.75
CA ASP A 39 12.57 1.86 -19.15
C ASP A 39 11.27 1.54 -19.89
N TRP A 40 10.29 2.42 -19.80
CA TRP A 40 8.99 2.25 -20.48
C TRP A 40 9.00 3.10 -21.77
N SER A 41 8.38 2.58 -22.83
CA SER A 41 8.32 3.26 -24.13
C SER A 41 7.40 4.48 -24.09
N PRO A 42 7.40 5.29 -25.16
CA PRO A 42 6.49 6.46 -25.11
C PRO A 42 5.04 6.01 -25.30
N LYS A 43 4.82 5.02 -26.16
CA LYS A 43 3.47 4.52 -26.38
C LYS A 43 2.89 4.28 -25.00
N THR A 44 3.43 3.25 -24.34
CA THR A 44 3.10 2.87 -22.99
C THR A 44 2.79 4.07 -22.09
N ILE A 45 3.68 5.06 -22.08
CA ILE A 45 3.46 6.25 -21.25
C ILE A 45 2.31 7.13 -21.74
N ARG A 46 2.13 7.27 -23.05
CA ARG A 46 1.00 8.09 -23.50
C ARG A 46 -0.29 7.31 -23.23
N THR A 47 -0.25 5.98 -23.32
CA THR A 47 -1.44 5.19 -23.02
C THR A 47 -1.86 5.45 -21.58
N LEU A 48 -0.90 5.60 -20.67
CA LEU A 48 -1.19 5.88 -19.26
C LEU A 48 -1.79 7.28 -19.10
N ILE A 49 -1.33 8.23 -19.91
CA ILE A 49 -1.81 9.61 -19.87
C ILE A 49 -3.23 9.71 -20.46
N THR A 50 -3.46 8.95 -21.53
CA THR A 50 -4.76 8.94 -22.18
C THR A 50 -5.79 8.37 -21.20
N ARG A 51 -5.45 7.22 -20.62
CA ARG A 51 -6.32 6.53 -19.66
C ARG A 51 -6.62 7.37 -18.41
N LEU A 52 -5.59 8.00 -17.86
CA LEU A 52 -5.76 8.84 -16.67
C LEU A 52 -6.71 9.96 -17.03
N TYR A 53 -6.62 10.41 -18.28
CA TYR A 53 -7.49 11.46 -18.77
C TYR A 53 -8.93 10.96 -18.92
N LYS A 54 -9.11 9.78 -19.55
CA LYS A 54 -10.44 9.20 -19.77
C LYS A 54 -11.22 8.88 -18.48
N LYS A 55 -10.53 8.60 -17.37
CA LYS A 55 -11.22 8.32 -16.12
C LYS A 55 -11.35 9.59 -15.30
N GLY A 56 -10.84 10.69 -15.83
CA GLY A 56 -10.98 11.97 -15.15
C GLY A 56 -9.90 12.49 -14.24
N PHE A 57 -8.92 11.68 -13.86
CA PHE A 57 -7.86 12.16 -12.96
C PHE A 57 -7.15 13.43 -13.40
N ILE A 58 -7.06 13.66 -14.70
CA ILE A 58 -6.41 14.86 -15.20
C ILE A 58 -7.14 15.45 -16.41
N ASP A 59 -6.74 16.65 -16.81
CA ASP A 59 -7.33 17.34 -17.93
C ASP A 59 -6.18 17.93 -18.73
N ARG A 60 -6.45 18.44 -19.94
CA ARG A 60 -5.39 18.99 -20.79
C ARG A 60 -5.69 20.37 -21.30
N LYS A 61 -4.94 21.35 -20.81
CA LYS A 61 -5.08 22.76 -21.16
C LYS A 61 -4.14 23.17 -22.31
N LYS A 62 -4.52 24.22 -23.04
CA LYS A 62 -3.73 24.65 -24.20
C LYS A 62 -3.43 26.15 -24.26
N ASP A 63 -3.74 26.74 -25.41
CA ASP A 63 -3.55 28.15 -25.77
C ASP A 63 -2.34 28.25 -26.73
N ASN A 64 -2.60 27.88 -27.98
CA ASN A 64 -1.59 27.93 -29.04
C ASN A 64 -0.56 26.81 -29.10
N LYS A 65 0.63 27.07 -28.57
CA LYS A 65 1.73 26.12 -28.63
C LYS A 65 1.44 24.63 -28.40
N ILE A 66 1.82 24.09 -27.24
CA ILE A 66 1.66 22.65 -26.96
C ILE A 66 0.67 22.25 -25.84
N PHE A 67 0.20 21.00 -25.91
CA PHE A 67 -0.77 20.43 -24.94
C PHE A 67 -0.17 20.17 -23.56
N GLN A 68 -0.88 20.59 -22.50
CA GLN A 68 -0.40 20.41 -21.12
C GLN A 68 -1.42 19.73 -20.18
N TYR A 69 -0.97 18.75 -19.39
CA TYR A 69 -1.87 18.06 -18.46
C TYR A 69 -1.76 18.54 -17.02
N TYR A 70 -2.87 18.50 -16.32
CA TYR A 70 -2.91 18.96 -14.94
C TYR A 70 -3.85 18.09 -14.09
N SER A 71 -3.70 18.19 -12.77
CA SER A 71 -4.46 17.39 -11.82
C SER A 71 -5.90 17.82 -11.56
N LEU A 72 -6.80 16.83 -11.47
CA LEU A 72 -8.21 17.11 -11.17
C LEU A 72 -8.56 16.48 -9.82
N VAL A 73 -7.60 15.76 -9.23
CA VAL A 73 -7.78 15.14 -7.92
C VAL A 73 -6.81 15.77 -6.95
N GLU A 74 -7.26 15.95 -5.70
CA GLU A 74 -6.41 16.52 -4.68
C GLU A 74 -5.38 15.46 -4.24
N GLU A 75 -4.10 15.81 -4.35
CA GLU A 75 -3.00 14.91 -3.97
C GLU A 75 -3.22 14.38 -2.57
N SER A 76 -3.45 15.29 -1.65
CA SER A 76 -3.66 14.95 -0.25
C SER A 76 -4.74 13.95 0.07
N ASP A 77 -5.84 13.97 -0.68
CA ASP A 77 -6.93 13.07 -0.37
C ASP A 77 -6.93 11.72 -1.03
N ILE A 78 -6.42 11.63 -2.26
CA ILE A 78 -6.40 10.32 -2.89
C ILE A 78 -5.23 9.55 -2.26
N LYS A 79 -4.24 10.26 -1.73
CA LYS A 79 -3.18 9.53 -1.07
C LYS A 79 -3.66 9.09 0.31
N TYR A 80 -4.42 9.94 0.98
CA TYR A 80 -4.94 9.58 2.30
C TYR A 80 -5.82 8.36 2.15
N LYS A 81 -6.84 8.49 1.29
CA LYS A 81 -7.75 7.39 1.04
C LYS A 81 -7.02 6.10 0.58
N THR A 82 -5.93 6.24 -0.18
CA THR A 82 -5.23 5.03 -0.61
C THR A 82 -4.53 4.36 0.59
N SER A 83 -3.91 5.18 1.46
CA SER A 83 -3.25 4.64 2.67
C SER A 83 -4.32 3.99 3.56
N LYS A 84 -5.49 4.58 3.67
CA LYS A 84 -6.55 4.00 4.48
C LYS A 84 -6.83 2.58 3.98
N ASN A 85 -7.03 2.43 2.66
CA ASN A 85 -7.26 1.12 2.02
C ASN A 85 -6.09 0.16 2.26
N PHE A 86 -4.86 0.63 2.06
CA PHE A 86 -3.70 -0.22 2.26
C PHE A 86 -3.63 -0.77 3.70
N ILE A 87 -3.83 0.13 4.65
CA ILE A 87 -3.80 -0.21 6.05
C ILE A 87 -4.94 -1.18 6.39
N ASN A 88 -6.10 -0.94 5.78
CA ASN A 88 -7.23 -1.80 6.03
C ASN A 88 -6.99 -3.22 5.50
N LYS A 89 -6.19 -3.36 4.45
CA LYS A 89 -5.92 -4.66 3.84
C LYS A 89 -4.79 -5.48 4.41
N VAL A 90 -3.76 -4.81 4.89
CA VAL A 90 -2.58 -5.50 5.40
C VAL A 90 -2.47 -5.64 6.93
N TYR A 91 -2.64 -4.54 7.66
CA TYR A 91 -2.53 -4.57 9.12
C TYR A 91 -3.86 -4.77 9.86
N LYS A 92 -3.80 -5.40 11.03
CA LYS A 92 -5.02 -5.62 11.80
C LYS A 92 -5.02 -4.83 13.11
N GLY A 93 -4.37 -3.66 13.08
CA GLY A 93 -4.30 -2.78 14.23
C GLY A 93 -4.36 -1.31 13.82
N GLY A 94 -4.79 -1.10 12.58
CA GLY A 94 -4.91 0.23 12.03
C GLY A 94 -3.53 0.85 11.89
N PHE A 95 -3.52 2.14 11.59
CA PHE A 95 -2.32 2.94 11.43
C PHE A 95 -1.25 2.71 12.50
N ASN A 96 -1.67 2.58 13.75
CA ASN A 96 -0.74 2.35 14.85
C ASN A 96 0.11 1.09 14.60
N SER A 97 -0.52 0.01 14.16
CA SER A 97 0.19 -1.21 13.84
C SER A 97 1.28 -0.97 12.79
N LEU A 98 0.94 -0.28 11.70
CA LEU A 98 1.91 -0.01 10.65
C LEU A 98 3.09 0.77 11.19
N VAL A 99 2.83 1.76 12.02
CA VAL A 99 3.92 2.55 12.55
C VAL A 99 4.81 1.73 13.45
N LEU A 100 4.21 0.87 14.24
CA LEU A 100 4.98 0.03 15.16
C LEU A 100 5.84 -0.97 14.38
N ASN A 101 5.28 -1.50 13.30
CA ASN A 101 6.00 -2.46 12.46
C ASN A 101 7.16 -1.75 11.76
N PHE A 102 6.90 -0.57 11.23
CA PHE A 102 7.94 0.15 10.53
C PHE A 102 9.08 0.52 11.48
N VAL A 103 8.74 1.19 12.59
CA VAL A 103 9.75 1.60 13.55
C VAL A 103 10.65 0.45 14.04
N GLU A 104 10.05 -0.72 14.31
CA GLU A 104 10.82 -1.86 14.78
C GLU A 104 11.69 -2.47 13.69
N LYS A 105 11.24 -2.35 12.44
CA LYS A 105 11.98 -2.94 11.35
C LYS A 105 13.03 -2.07 10.72
N GLU A 106 12.78 -0.77 10.64
CA GLU A 106 13.77 0.10 10.05
C GLU A 106 14.54 0.84 11.13
N ASP A 107 15.85 0.80 11.03
CA ASP A 107 16.73 1.48 11.97
C ASP A 107 16.69 2.95 11.54
N LEU A 108 15.64 3.64 11.94
CA LEU A 108 15.51 5.05 11.57
C LEU A 108 16.67 5.83 12.14
N SER A 109 16.87 7.02 11.58
CA SER A 109 17.96 7.86 12.02
C SER A 109 17.43 8.84 13.06
N GLN A 110 18.34 9.42 13.84
CA GLN A 110 18.00 10.40 14.87
C GLN A 110 17.28 11.57 14.23
N ASP A 111 17.72 11.93 13.01
CA ASP A 111 17.11 13.04 12.27
C ASP A 111 15.75 12.63 11.74
N GLU A 112 15.58 11.34 11.43
CA GLU A 112 14.31 10.86 10.90
C GLU A 112 13.31 10.77 12.04
N ILE A 113 13.78 10.23 13.16
CA ILE A 113 12.96 10.07 14.34
C ILE A 113 12.50 11.44 14.80
N GLU A 114 13.38 12.43 14.65
CA GLU A 114 13.05 13.78 15.06
C GLU A 114 12.07 14.47 14.13
N GLU A 115 12.14 14.21 12.82
CA GLU A 115 11.16 14.86 11.93
C GLU A 115 9.82 14.28 12.27
N LEU A 116 9.83 12.98 12.55
CA LEU A 116 8.61 12.29 12.92
C LEU A 116 7.87 12.99 14.05
N ARG A 117 8.54 13.13 15.19
CA ARG A 117 7.96 13.79 16.35
C ARG A 117 7.44 15.18 16.02
N ASN A 118 8.14 15.93 15.17
CA ASN A 118 7.66 17.26 14.78
C ASN A 118 6.29 17.18 14.16
N ILE A 119 6.08 16.18 13.31
CA ILE A 119 4.80 15.97 12.61
C ILE A 119 3.66 15.63 13.58
N LEU A 120 4.00 14.96 14.67
CA LEU A 120 2.97 14.62 15.67
C LEU A 120 2.72 15.84 16.58
N ASN A 121 3.73 16.72 16.75
CA ASN A 121 3.61 17.92 17.60
C ASN A 121 2.88 19.10 16.97
N LYS A 122 2.73 19.08 15.66
CA LYS A 122 2.06 20.16 14.96
C LYS A 122 0.57 20.00 14.70
N LYS A 123 -0.18 19.64 15.74
CA LYS A 123 -1.64 19.47 15.67
C LYS A 123 -2.24 18.94 16.98
N THR B 5 8.55 -13.28 -0.80
CA THR B 5 7.69 -12.11 -1.14
C THR B 5 7.49 -12.03 -2.67
N TYR B 6 6.31 -11.59 -3.08
CA TYR B 6 5.96 -11.45 -4.50
C TYR B 6 4.57 -10.84 -4.60
N GLU B 7 4.45 -9.67 -3.98
CA GLU B 7 3.21 -8.90 -3.90
C GLU B 7 1.91 -9.70 -4.06
N ILE B 8 1.28 -9.97 -2.91
CA ILE B 8 0.04 -10.72 -2.77
C ILE B 8 -1.19 -9.79 -2.72
N SER B 9 -2.36 -10.35 -3.04
CA SER B 9 -3.63 -9.63 -3.08
C SER B 9 -4.36 -9.53 -1.74
N SER B 10 -5.41 -8.71 -1.71
CA SER B 10 -6.19 -8.55 -0.49
C SER B 10 -6.82 -9.87 -0.02
N ALA B 11 -7.17 -10.75 -0.95
CA ALA B 11 -7.77 -12.02 -0.54
C ALA B 11 -6.63 -12.85 0.07
N GLU B 12 -5.52 -12.92 -0.63
CA GLU B 12 -4.41 -13.67 -0.09
C GLU B 12 -4.07 -13.15 1.32
N TRP B 13 -4.10 -11.83 1.50
CA TRP B 13 -3.81 -11.22 2.79
C TRP B 13 -4.78 -11.68 3.88
N GLU B 14 -6.03 -11.87 3.51
CA GLU B 14 -7.08 -12.32 4.43
C GLU B 14 -6.75 -13.70 4.95
N VAL B 15 -6.24 -14.53 4.04
CA VAL B 15 -5.89 -15.90 4.35
C VAL B 15 -4.62 -15.92 5.20
N ASN B 17 -3.38 -13.70 7.18
CA ASN B 17 -3.64 -13.20 8.52
C ASN B 17 -4.30 -14.21 9.42
N ILE B 18 -4.78 -15.30 8.84
CA ILE B 18 -5.41 -16.32 9.64
C ILE B 18 -4.39 -17.41 9.94
N ILE B 19 -3.51 -17.68 8.98
CA ILE B 19 -2.47 -18.69 9.17
C ILE B 19 -1.52 -18.16 10.24
N TRP B 20 -1.28 -16.86 10.23
CA TRP B 20 -0.38 -16.23 11.18
C TRP B 20 -0.96 -16.25 12.59
N LYS B 22 -2.78 -18.43 13.80
CA LYS B 22 -2.96 -19.79 14.30
C LYS B 22 -1.81 -20.78 14.04
N LYS B 23 -0.65 -20.30 13.60
CA LYS B 23 0.50 -21.17 13.30
C LYS B 23 0.22 -22.38 12.39
N TYR B 24 -0.77 -23.19 12.77
CA TYR B 24 -1.19 -24.37 12.00
C TYR B 24 -2.72 -24.37 11.88
N ALA B 25 -3.24 -24.62 10.68
CA ALA B 25 -4.68 -24.64 10.43
C ALA B 25 -5.00 -25.44 9.16
N SER B 26 -6.06 -26.22 9.18
CA SER B 26 -6.36 -27.00 7.99
C SER B 26 -7.28 -26.18 7.13
N ALA B 27 -7.39 -26.59 5.88
CA ALA B 27 -8.25 -25.91 4.93
C ALA B 27 -9.56 -25.63 5.65
N ASN B 28 -10.23 -26.70 6.06
CA ASN B 28 -11.50 -26.55 6.73
C ASN B 28 -11.50 -25.48 7.80
N ASN B 29 -10.44 -25.41 8.59
CA ASN B 29 -10.40 -24.37 9.61
C ASN B 29 -10.42 -23.05 8.86
N ILE B 30 -9.46 -22.88 7.96
CA ILE B 30 -9.33 -21.66 7.18
C ILE B 30 -10.67 -21.26 6.54
N ILE B 31 -11.31 -22.18 5.82
CA ILE B 31 -12.59 -21.94 5.18
C ILE B 31 -13.65 -21.32 6.09
N GLU B 32 -13.65 -21.69 7.36
CA GLU B 32 -14.67 -21.14 8.21
C GLU B 32 -14.28 -19.85 8.91
N GLU B 33 -12.99 -19.65 9.16
CA GLU B 33 -12.57 -18.41 9.79
C GLU B 33 -12.88 -17.32 8.76
N ILE B 34 -12.70 -17.70 7.49
CA ILE B 34 -12.94 -16.84 6.35
C ILE B 34 -14.43 -16.59 6.10
N GLN B 35 -15.22 -17.66 6.06
CA GLN B 35 -16.64 -17.53 5.79
C GLN B 35 -17.43 -16.77 6.83
N GLN B 37 -16.70 -13.44 7.69
CA GLN B 37 -16.75 -12.03 7.36
C GLN B 37 -16.71 -11.86 5.85
N LYS B 38 -16.55 -12.98 5.14
CA LYS B 38 -16.47 -12.97 3.68
C LYS B 38 -17.43 -13.97 3.03
N ASP B 39 -18.10 -13.53 1.97
CA ASP B 39 -19.00 -14.40 1.25
C ASP B 39 -18.22 -15.13 0.16
N TRP B 40 -17.30 -15.99 0.58
CA TRP B 40 -16.49 -16.76 -0.35
C TRP B 40 -16.85 -18.24 -0.27
N SER B 41 -16.83 -18.92 -1.41
CA SER B 41 -17.17 -20.33 -1.43
C SER B 41 -16.00 -21.19 -0.98
N PRO B 42 -16.24 -22.49 -0.86
CA PRO B 42 -15.19 -23.41 -0.43
C PRO B 42 -14.08 -23.52 -1.47
N LYS B 43 -14.46 -23.61 -2.74
CA LYS B 43 -13.45 -23.72 -3.78
C LYS B 43 -12.65 -22.41 -3.96
N THR B 44 -13.26 -21.28 -3.69
CA THR B 44 -12.55 -20.01 -3.84
C THR B 44 -11.39 -20.02 -2.84
N ILE B 45 -11.74 -20.31 -1.59
CA ILE B 45 -10.79 -20.35 -0.50
C ILE B 45 -9.73 -21.45 -0.69
N ARG B 46 -10.12 -22.59 -1.24
CA ARG B 46 -9.14 -23.64 -1.49
C ARG B 46 -8.18 -23.17 -2.58
N THR B 47 -8.63 -22.29 -3.46
CA THR B 47 -7.78 -21.81 -4.53
C THR B 47 -6.78 -20.80 -3.99
N LEU B 48 -7.22 -19.99 -3.03
CA LEU B 48 -6.36 -19.02 -2.41
C LEU B 48 -5.29 -19.77 -1.60
N ILE B 49 -5.69 -20.78 -0.83
CA ILE B 49 -4.74 -21.56 -0.07
C ILE B 49 -3.74 -22.18 -1.05
N THR B 50 -4.24 -22.83 -2.10
CA THR B 50 -3.35 -23.46 -3.06
C THR B 50 -2.41 -22.48 -3.71
N ARG B 51 -2.85 -21.24 -3.92
CA ARG B 51 -2.02 -20.21 -4.58
C ARG B 51 -0.86 -19.75 -3.68
N LEU B 52 -1.14 -19.55 -2.39
CA LEU B 52 -0.11 -19.13 -1.48
C LEU B 52 0.87 -20.30 -1.26
N TYR B 53 0.35 -21.53 -1.32
CA TYR B 53 1.19 -22.71 -1.16
C TYR B 53 2.17 -22.75 -2.32
N LYS B 54 1.70 -22.61 -3.55
CA LYS B 54 2.63 -22.65 -4.66
C LYS B 54 3.56 -21.46 -4.69
N LYS B 55 3.18 -20.33 -4.07
CA LYS B 55 4.06 -19.16 -4.10
C LYS B 55 5.15 -19.16 -3.04
N GLY B 56 5.19 -20.20 -2.22
CA GLY B 56 6.21 -20.32 -1.19
C GLY B 56 5.92 -19.51 0.08
N PHE B 57 4.67 -19.16 0.29
CA PHE B 57 4.28 -18.40 1.45
C PHE B 57 3.85 -19.28 2.59
N ILE B 58 3.42 -20.49 2.29
CA ILE B 58 2.98 -21.44 3.30
C ILE B 58 3.33 -22.85 2.90
N ASP B 59 3.20 -23.78 3.85
CA ASP B 59 3.52 -25.17 3.58
C ASP B 59 2.56 -26.04 4.37
N ARG B 60 2.66 -27.36 4.23
CA ARG B 60 1.73 -28.23 4.94
C ARG B 60 2.36 -29.49 5.47
N LYS B 61 1.90 -29.89 6.65
CA LYS B 61 2.35 -31.10 7.32
C LYS B 61 1.12 -31.98 7.50
N LYS B 62 1.28 -33.28 7.26
CA LYS B 62 0.16 -34.19 7.43
C LYS B 62 -0.02 -34.67 8.86
N ASP B 63 -0.98 -34.11 9.60
CA ASP B 63 -1.24 -34.60 10.95
C ASP B 63 -2.54 -35.36 10.73
N ASN B 64 -2.56 -36.64 11.09
CA ASN B 64 -3.71 -37.51 10.83
C ASN B 64 -3.46 -37.62 9.34
N LYS B 65 -4.49 -37.80 8.53
CA LYS B 65 -4.21 -37.88 7.10
C LYS B 65 -4.71 -36.57 6.49
N ILE B 66 -4.75 -35.53 7.32
CA ILE B 66 -5.22 -34.21 6.87
C ILE B 66 -4.15 -33.11 6.96
N PHE B 67 -4.04 -32.36 5.86
CA PHE B 67 -3.08 -31.28 5.72
C PHE B 67 -3.36 -30.09 6.66
N GLN B 68 -2.32 -29.64 7.37
CA GLN B 68 -2.38 -28.51 8.31
C GLN B 68 -1.38 -27.50 7.77
N TYR B 69 -1.88 -26.33 7.40
CA TYR B 69 -1.05 -25.28 6.82
C TYR B 69 -0.48 -24.35 7.84
N TYR B 70 0.74 -23.94 7.58
CA TYR B 70 1.45 -23.00 8.44
C TYR B 70 2.33 -22.14 7.56
N SER B 71 2.71 -20.98 8.07
CA SER B 71 3.54 -20.03 7.34
C SER B 71 5.01 -20.32 7.17
N LEU B 72 5.51 -19.98 6.01
CA LEU B 72 6.91 -20.17 5.70
C LEU B 72 7.57 -18.80 5.74
N VAL B 73 6.77 -17.78 6.01
CA VAL B 73 7.31 -16.43 5.97
C VAL B 73 7.08 -15.65 7.26
N GLU B 74 7.97 -14.71 7.54
CA GLU B 74 7.91 -13.91 8.74
C GLU B 74 6.96 -12.70 8.65
N GLU B 75 5.75 -12.88 9.15
CA GLU B 75 4.73 -11.86 9.15
C GLU B 75 5.21 -10.40 9.14
N SER B 76 5.85 -9.95 10.22
CA SER B 76 6.35 -8.57 10.30
C SER B 76 7.42 -8.26 9.25
N ASP B 77 8.09 -9.29 8.76
CA ASP B 77 9.10 -9.06 7.73
C ASP B 77 8.44 -8.77 6.39
N ILE B 78 7.36 -9.50 6.13
CA ILE B 78 6.61 -9.41 4.90
C ILE B 78 5.72 -8.18 4.90
N LYS B 79 5.14 -7.86 6.04
CA LYS B 79 4.30 -6.66 6.12
C LYS B 79 5.20 -5.42 6.02
N TYR B 80 6.38 -5.49 6.63
CA TYR B 80 7.32 -4.40 6.51
C TYR B 80 7.68 -4.16 5.02
N LYS B 81 8.15 -5.22 4.35
CA LYS B 81 8.53 -5.16 2.94
C LYS B 81 7.39 -4.58 2.10
N THR B 82 6.20 -5.11 2.31
CA THR B 82 5.01 -4.65 1.65
C THR B 82 4.83 -3.14 1.89
N SER B 83 4.96 -2.68 3.14
CA SER B 83 4.85 -1.26 3.48
C SER B 83 5.87 -0.38 2.75
N LYS B 84 7.09 -0.86 2.61
CA LYS B 84 8.12 -0.10 1.90
C LYS B 84 7.71 0.05 0.45
N ASN B 85 7.14 -1.00 -0.12
CA ASN B 85 6.74 -0.98 -1.51
C ASN B 85 5.57 -0.03 -1.75
N PHE B 86 4.64 0.02 -0.80
CA PHE B 86 3.46 0.86 -0.93
C PHE B 86 3.88 2.32 -0.91
N ILE B 87 4.78 2.62 0.02
CA ILE B 87 5.29 3.95 0.24
C ILE B 87 6.10 4.44 -0.95
N ASN B 88 6.85 3.54 -1.57
CA ASN B 88 7.65 3.89 -2.74
C ASN B 88 6.77 4.13 -3.96
N LYS B 89 5.63 3.47 -4.01
CA LYS B 89 4.70 3.60 -5.12
C LYS B 89 3.87 4.87 -5.06
N VAL B 90 3.38 5.20 -3.88
CA VAL B 90 2.52 6.34 -3.68
C VAL B 90 3.17 7.63 -3.19
N TYR B 91 4.10 7.53 -2.25
CA TYR B 91 4.72 8.74 -1.69
C TYR B 91 6.09 9.04 -2.23
N LYS B 92 6.43 10.31 -2.34
CA LYS B 92 7.73 10.70 -2.86
C LYS B 92 8.67 10.90 -1.69
N GLY B 93 8.14 11.48 -0.62
CA GLY B 93 8.96 11.70 0.57
C GLY B 93 9.50 10.38 1.12
N GLY B 94 8.63 9.63 1.79
CA GLY B 94 9.03 8.36 2.37
C GLY B 94 8.00 8.10 3.46
N PHE B 95 8.34 7.22 4.40
CA PHE B 95 7.48 6.88 5.53
C PHE B 95 6.96 8.19 6.13
N ASN B 96 7.85 9.16 6.10
CA ASN B 96 7.68 10.54 6.56
C ASN B 96 6.38 11.17 6.09
N SER B 97 6.20 11.16 4.77
CA SER B 97 5.06 11.78 4.12
C SER B 97 3.78 11.01 4.35
N LEU B 98 3.88 9.71 4.58
CA LEU B 98 2.68 8.97 4.80
C LEU B 98 2.20 9.36 6.20
N VAL B 99 3.11 9.39 7.18
CA VAL B 99 2.71 9.78 8.53
C VAL B 99 2.27 11.26 8.47
N LEU B 100 3.07 12.13 7.86
CA LEU B 100 2.66 13.52 7.71
C LEU B 100 1.23 13.59 7.20
N ASN B 101 0.99 12.97 6.03
CA ASN B 101 -0.32 12.95 5.37
C ASN B 101 -1.44 12.35 6.20
N PHE B 102 -1.14 11.30 6.94
CA PHE B 102 -2.16 10.63 7.75
C PHE B 102 -2.47 11.48 8.98
N VAL B 103 -1.43 12.00 9.63
CA VAL B 103 -1.60 12.85 10.81
C VAL B 103 -2.28 14.19 10.42
N GLU B 104 -2.53 14.38 9.12
CA GLU B 104 -3.16 15.63 8.69
C GLU B 104 -4.55 15.53 8.10
N LYS B 105 -5.04 14.33 7.85
CA LYS B 105 -6.37 14.19 7.27
C LYS B 105 -7.22 13.30 8.15
N GLU B 106 -6.64 12.82 9.23
CA GLU B 106 -7.36 11.99 10.17
C GLU B 106 -7.31 12.81 11.47
N ASP B 107 -8.40 13.49 11.79
CA ASP B 107 -8.45 14.33 12.97
C ASP B 107 -7.63 13.82 14.15
N LEU B 108 -7.52 12.50 14.28
CA LEU B 108 -6.76 11.88 15.35
C LEU B 108 -6.92 12.56 16.69
N SER B 109 -7.49 11.82 17.64
CA SER B 109 -7.67 12.34 19.01
C SER B 109 -6.28 12.81 19.49
N GLN B 110 -6.25 13.47 20.64
CA GLN B 110 -4.98 13.92 21.19
C GLN B 110 -4.24 12.77 21.89
N ASP B 111 -4.92 11.65 22.16
CA ASP B 111 -4.25 10.51 22.78
C ASP B 111 -3.63 9.65 21.68
N GLU B 112 -4.35 9.49 20.57
CA GLU B 112 -3.82 8.74 19.45
C GLU B 112 -2.42 9.31 19.17
N ILE B 113 -2.30 10.65 19.21
CA ILE B 113 -1.00 11.29 18.99
C ILE B 113 -0.06 10.82 20.10
N GLU B 114 -0.59 10.72 21.31
CA GLU B 114 0.19 10.28 22.46
C GLU B 114 0.63 8.82 22.25
N GLU B 115 -0.30 7.97 21.84
CA GLU B 115 0.07 6.59 21.59
C GLU B 115 1.11 6.51 20.47
N LEU B 116 0.89 7.25 19.38
CA LEU B 116 1.85 7.26 18.28
C LEU B 116 3.21 7.65 18.80
N ARG B 117 3.21 8.51 19.82
CA ARG B 117 4.44 8.96 20.45
C ARG B 117 5.08 7.78 21.18
N ASN B 118 4.29 6.96 21.85
CA ASN B 118 4.80 5.80 22.57
C ASN B 118 5.79 5.06 21.69
N ILE B 119 5.23 4.53 20.60
CA ILE B 119 5.96 3.75 19.60
C ILE B 119 7.28 4.43 19.31
N LEU B 120 7.20 5.62 18.72
CA LEU B 120 8.41 6.36 18.38
C LEU B 120 9.39 6.47 19.53
N ASN B 121 8.86 6.73 20.73
CA ASN B 121 9.70 6.93 21.89
C ASN B 121 10.14 5.69 22.65
N LYS B 122 9.25 5.19 23.52
CA LYS B 122 9.56 4.02 24.35
C LYS B 122 9.55 2.70 23.56
#